data_1AXZ
#
_entry.id   1AXZ
#
_cell.length_a   84.202
_cell.length_b   72.990
_cell.length_c   71.290
_cell.angle_alpha   90.00
_cell.angle_beta   113.44
_cell.angle_gamma   90.00
#
_symmetry.space_group_name_H-M   'C 1 2 1'
#
loop_
_entity.id
_entity.type
_entity.pdbx_description
1 polymer LECTIN
2 branched beta-D-xylopyranose-(1-2)-[alpha-D-mannopyranose-(1-3)][alpha-D-mannopyranose-(1-6)]beta-D-mannopyranose-(1-4)-2-acetamido-2-deoxy-beta-D-glucopyranose-(1-4)-[alpha-L-fucopyranose-(1-3)]2-acetamido-2-deoxy-beta-D-glucopyranose
3 non-polymer alpha-D-galactopyranose
4 non-polymer beta-D-galactopyranose
5 non-polymer 'MANGANESE (II) ION'
6 non-polymer 'CALCIUM ION'
7 water water
#
_entity_poly.entity_id   1
_entity_poly.type   'polypeptide(L)'
_entity_poly.pdbx_seq_one_letter_code
;VETISFSFSEFEPGNDNLTLQGAALITQSGVLQLTKINQNGMPAWDSTGRTLYAKPVHIWDMTTGTVASFETRFSFSIEQ
PYTRPLPADGLVFFMGPTKSKPAQGYGYLGIFNNSKQDNSYQTLGVEFDTFSNPWDPPQVPHIGIDVNSIRSIKTQPFQL
DNGQVANVVIKYDASSKILHAVLVYPSSGAIYTIAEIVDVKQVLPEWVDVGLSGATGAQRDAAETHDVYSWSFQASLPE
;
_entity_poly.pdbx_strand_id   A
#
# COMPACT_ATOMS: atom_id res chain seq x y z
N VAL A 1 6.38 -9.99 25.25
CA VAL A 1 6.04 -9.08 24.13
C VAL A 1 6.56 -9.60 22.79
N GLU A 2 5.65 -9.90 21.88
CA GLU A 2 6.01 -10.41 20.56
C GLU A 2 6.34 -9.25 19.63
N THR A 3 7.61 -9.14 19.27
CA THR A 3 8.05 -8.08 18.38
C THR A 3 8.58 -8.67 17.08
N ILE A 4 8.31 -7.98 15.98
CA ILE A 4 8.76 -8.38 14.67
C ILE A 4 9.15 -7.11 13.92
N SER A 5 10.23 -7.18 13.16
CA SER A 5 10.67 -6.03 12.40
C SER A 5 11.58 -6.41 11.24
N PHE A 6 11.61 -5.52 10.25
CA PHE A 6 12.44 -5.70 9.08
C PHE A 6 12.73 -4.33 8.50
N SER A 7 13.84 -4.22 7.79
CA SER A 7 14.24 -2.97 7.19
C SER A 7 15.03 -3.21 5.90
N PHE A 8 14.47 -2.75 4.79
CA PHE A 8 15.10 -2.90 3.49
C PHE A 8 15.49 -1.50 3.02
N SER A 9 16.78 -1.16 3.13
CA SER A 9 17.28 0.16 2.71
C SER A 9 17.27 0.19 1.18
N GLU A 10 17.29 -1.01 0.60
CA GLU A 10 17.25 -1.22 -0.83
C GLU A 10 16.82 -2.67 -0.99
N PHE A 11 16.41 -3.04 -2.19
CA PHE A 11 15.97 -4.41 -2.44
C PHE A 11 17.01 -5.21 -3.20
N GLU A 12 17.23 -6.44 -2.74
CA GLU A 12 18.20 -7.34 -3.36
C GLU A 12 17.48 -8.42 -4.17
N PRO A 13 17.82 -8.53 -5.46
CA PRO A 13 17.17 -9.54 -6.31
C PRO A 13 17.46 -10.94 -5.76
N GLY A 14 16.45 -11.79 -5.74
CA GLY A 14 16.62 -13.14 -5.24
C GLY A 14 16.46 -13.37 -3.74
N ASN A 15 16.32 -12.29 -2.97
CA ASN A 15 16.16 -12.44 -1.52
C ASN A 15 14.87 -13.21 -1.23
N ASP A 16 14.91 -14.12 -0.25
CA ASP A 16 13.75 -14.92 0.08
C ASP A 16 12.89 -14.39 1.23
N ASN A 17 13.07 -13.12 1.58
CA ASN A 17 12.28 -12.51 2.66
C ASN A 17 11.06 -11.78 2.14
N LEU A 18 10.93 -11.73 0.82
CA LEU A 18 9.82 -11.08 0.16
C LEU A 18 9.16 -12.01 -0.84
N THR A 19 7.84 -12.01 -0.83
CA THR A 19 7.05 -12.83 -1.75
C THR A 19 6.55 -11.90 -2.84
N LEU A 20 7.05 -12.08 -4.05
CA LEU A 20 6.65 -11.26 -5.19
C LEU A 20 5.47 -11.92 -5.90
N GLN A 21 4.44 -11.14 -6.20
CA GLN A 21 3.26 -11.67 -6.87
C GLN A 21 2.91 -10.82 -8.09
N GLY A 22 2.29 -11.46 -9.09
CA GLY A 22 1.92 -10.74 -10.29
C GLY A 22 3.12 -10.17 -11.02
N ALA A 23 3.02 -8.90 -11.40
CA ALA A 23 4.07 -8.22 -12.14
C ALA A 23 5.27 -7.71 -11.33
N ALA A 24 5.16 -7.71 -10.00
CA ALA A 24 6.23 -7.22 -9.13
C ALA A 24 7.59 -7.82 -9.44
N LEU A 25 8.61 -6.96 -9.48
CA LEU A 25 9.97 -7.39 -9.78
C LEU A 25 11.00 -6.49 -9.11
N ILE A 26 12.13 -7.08 -8.72
CA ILE A 26 13.21 -6.33 -8.10
C ILE A 26 14.31 -6.19 -9.16
N THR A 27 14.68 -4.95 -9.48
CA THR A 27 15.70 -4.70 -10.49
C THR A 27 17.12 -4.87 -9.96
N GLN A 28 18.09 -4.90 -10.87
CA GLN A 28 19.50 -5.02 -10.52
C GLN A 28 19.96 -3.79 -9.75
N SER A 29 19.27 -2.67 -9.98
CA SER A 29 19.59 -1.41 -9.31
C SER A 29 19.02 -1.33 -7.90
N GLY A 30 18.29 -2.38 -7.50
CA GLY A 30 17.73 -2.43 -6.16
C GLY A 30 16.36 -1.77 -5.97
N VAL A 31 15.65 -1.57 -7.07
CA VAL A 31 14.34 -0.94 -7.01
C VAL A 31 13.20 -1.97 -7.14
N LEU A 32 12.18 -1.83 -6.31
CA LEU A 32 11.03 -2.72 -6.37
C LEU A 32 10.00 -2.09 -7.29
N GLN A 33 9.85 -2.65 -8.49
CA GLN A 33 8.87 -2.14 -9.45
C GLN A 33 7.61 -2.97 -9.30
N LEU A 34 6.60 -2.39 -8.64
CA LEU A 34 5.34 -3.09 -8.41
C LEU A 34 4.61 -3.44 -9.69
N THR A 35 4.59 -2.49 -10.63
CA THR A 35 3.91 -2.70 -11.90
C THR A 35 4.90 -2.73 -13.06
N LYS A 36 4.54 -3.46 -14.11
CA LYS A 36 5.40 -3.66 -15.28
C LYS A 36 5.86 -2.42 -16.04
N ILE A 37 7.13 -2.44 -16.42
CA ILE A 37 7.75 -1.39 -17.20
C ILE A 37 8.17 -2.09 -18.50
N ASN A 38 7.71 -1.59 -19.63
CA ASN A 38 8.04 -2.19 -20.93
C ASN A 38 9.51 -2.02 -21.29
N GLN A 39 9.95 -2.68 -22.35
CA GLN A 39 11.35 -2.58 -22.78
C GLN A 39 11.71 -1.18 -23.25
N ASN A 40 10.70 -0.41 -23.66
CA ASN A 40 10.90 0.97 -24.10
C ASN A 40 11.02 1.93 -22.92
N GLY A 41 10.93 1.37 -21.70
CA GLY A 41 11.03 2.17 -20.50
C GLY A 41 9.75 2.83 -20.02
N MET A 42 8.65 2.56 -20.73
CA MET A 42 7.35 3.14 -20.39
C MET A 42 6.52 2.17 -19.54
N PRO A 43 5.70 2.70 -18.62
CA PRO A 43 4.87 1.82 -17.77
C PRO A 43 3.76 1.15 -18.57
N ALA A 44 3.53 -0.14 -18.32
CA ALA A 44 2.50 -0.88 -19.02
C ALA A 44 1.15 -0.83 -18.32
N TRP A 45 0.08 -0.72 -19.10
CA TRP A 45 -1.27 -0.71 -18.54
C TRP A 45 -1.66 -2.17 -18.28
N ASP A 46 -2.78 -2.37 -17.58
CA ASP A 46 -3.28 -3.72 -17.27
C ASP A 46 -2.24 -4.54 -16.49
N SER A 47 -1.59 -3.90 -15.53
CA SER A 47 -0.57 -4.57 -14.72
C SER A 47 -0.87 -4.50 -13.23
N THR A 48 -0.68 -5.61 -12.53
CA THR A 48 -0.91 -5.67 -11.09
C THR A 48 0.25 -6.44 -10.46
N GLY A 49 0.79 -5.90 -9.37
CA GLY A 49 1.90 -6.55 -8.71
C GLY A 49 1.88 -6.27 -7.22
N ARG A 50 2.31 -7.25 -6.43
CA ARG A 50 2.34 -7.10 -4.98
C ARG A 50 3.61 -7.69 -4.41
N THR A 51 3.94 -7.27 -3.20
CA THR A 51 5.12 -7.77 -2.50
C THR A 51 4.70 -7.93 -1.04
N LEU A 52 4.79 -9.14 -0.52
CA LEU A 52 4.41 -9.43 0.86
C LEU A 52 5.61 -9.89 1.65
N TYR A 53 5.71 -9.46 2.90
CA TYR A 53 6.81 -9.91 3.75
C TYR A 53 6.56 -11.41 3.95
N ALA A 54 7.65 -12.20 3.92
CA ALA A 54 7.56 -13.66 4.02
C ALA A 54 7.12 -14.26 5.35
N LYS A 55 7.01 -13.45 6.39
CA LYS A 55 6.57 -13.96 7.69
C LYS A 55 5.28 -13.26 8.13
N PRO A 56 4.32 -14.02 8.66
CA PRO A 56 3.06 -13.45 9.12
C PRO A 56 3.30 -12.64 10.41
N VAL A 57 2.46 -11.64 10.64
CA VAL A 57 2.58 -10.77 11.80
C VAL A 57 1.44 -10.99 12.77
N HIS A 58 1.77 -11.14 14.05
CA HIS A 58 0.78 -11.34 15.10
C HIS A 58 0.28 -9.94 15.50
N ILE A 59 -0.88 -9.57 15.00
CA ILE A 59 -1.43 -8.24 15.26
C ILE A 59 -2.28 -8.11 16.52
N TRP A 60 -2.96 -9.19 16.90
CA TRP A 60 -3.76 -9.19 18.13
C TRP A 60 -4.04 -10.62 18.60
N ASP A 61 -4.44 -10.74 19.86
CA ASP A 61 -4.71 -12.05 20.45
C ASP A 61 -6.08 -12.07 21.11
N MET A 62 -6.91 -13.04 20.72
CA MET A 62 -8.26 -13.18 21.27
C MET A 62 -8.28 -13.54 22.75
N THR A 63 -7.37 -14.43 23.14
CA THR A 63 -7.27 -14.90 24.52
C THR A 63 -7.06 -13.78 25.53
N THR A 64 -6.11 -12.89 25.25
CA THR A 64 -5.80 -11.78 26.15
C THR A 64 -6.44 -10.46 25.73
N GLY A 65 -6.89 -10.38 24.48
CA GLY A 65 -7.50 -9.17 23.99
C GLY A 65 -6.50 -8.07 23.68
N THR A 66 -5.22 -8.39 23.77
CA THR A 66 -4.15 -7.42 23.50
C THR A 66 -4.01 -7.15 22.00
N VAL A 67 -3.64 -5.92 21.67
CA VAL A 67 -3.46 -5.51 20.29
C VAL A 67 -2.10 -4.85 20.09
N ALA A 68 -1.48 -5.16 18.96
CA ALA A 68 -0.15 -4.63 18.65
C ALA A 68 -0.15 -3.23 18.07
N SER A 69 0.90 -2.49 18.38
CA SER A 69 1.09 -1.17 17.84
C SER A 69 2.12 -1.42 16.74
N PHE A 70 2.08 -0.65 15.68
CA PHE A 70 3.03 -0.85 14.60
C PHE A 70 3.36 0.41 13.84
N GLU A 71 4.43 0.35 13.07
CA GLU A 71 4.87 1.49 12.27
C GLU A 71 5.57 0.99 11.02
N THR A 72 5.28 1.61 9.89
CA THR A 72 5.92 1.24 8.66
C THR A 72 6.34 2.51 7.93
N ARG A 73 7.50 2.44 7.28
CA ARG A 73 8.02 3.57 6.52
C ARG A 73 8.49 3.06 5.18
N PHE A 74 8.16 3.80 4.13
CA PHE A 74 8.61 3.42 2.79
C PHE A 74 8.70 4.65 1.90
N SER A 75 9.50 4.51 0.86
CA SER A 75 9.69 5.59 -0.11
C SER A 75 9.30 5.06 -1.49
N PHE A 76 8.59 5.87 -2.24
CA PHE A 76 8.16 5.46 -3.57
C PHE A 76 8.12 6.65 -4.53
N SER A 77 7.97 6.34 -5.81
CA SER A 77 7.86 7.37 -6.82
C SER A 77 6.86 6.92 -7.87
N ILE A 78 6.03 7.86 -8.31
CA ILE A 78 5.05 7.60 -9.35
C ILE A 78 5.38 8.58 -10.47
N GLU A 79 5.56 8.04 -11.67
CA GLU A 79 5.88 8.84 -12.84
C GLU A 79 4.74 8.65 -13.86
N GLN A 80 4.11 9.74 -14.25
CA GLN A 80 3.00 9.72 -15.21
C GLN A 80 3.47 10.38 -16.50
N PRO A 81 3.85 9.56 -17.50
CA PRO A 81 4.35 10.03 -18.81
C PRO A 81 3.38 10.52 -19.88
N TYR A 82 2.12 10.10 -19.83
CA TYR A 82 1.16 10.51 -20.86
C TYR A 82 0.20 11.60 -20.38
N THR A 83 -0.16 12.51 -21.29
CA THR A 83 -1.11 13.57 -20.97
C THR A 83 -2.51 12.96 -21.02
N ARG A 84 -2.68 12.00 -21.91
CA ARG A 84 -3.95 11.30 -22.06
C ARG A 84 -3.66 9.89 -22.56
N PRO A 85 -4.47 8.90 -22.13
CA PRO A 85 -5.59 9.04 -21.22
C PRO A 85 -5.11 9.35 -19.79
N LEU A 86 -6.05 9.54 -18.88
CA LEU A 86 -5.70 9.82 -17.48
C LEU A 86 -4.94 8.63 -16.89
N PRO A 87 -3.90 8.91 -16.11
CA PRO A 87 -3.11 7.83 -15.48
C PRO A 87 -3.90 7.07 -14.42
N ALA A 88 -3.46 5.85 -14.11
CA ALA A 88 -4.12 4.99 -13.12
C ALA A 88 -3.15 3.87 -12.74
N ASP A 89 -3.38 3.17 -11.62
CA ASP A 89 -4.48 3.37 -10.70
C ASP A 89 -4.01 3.75 -9.29
N GLY A 90 -2.80 3.35 -8.94
CA GLY A 90 -2.25 3.69 -7.64
C GLY A 90 -1.56 2.55 -6.92
N LEU A 91 -1.15 2.79 -5.69
CA LEU A 91 -0.50 1.77 -4.88
C LEU A 91 -1.08 1.81 -3.47
N VAL A 92 -0.84 0.76 -2.70
CA VAL A 92 -1.41 0.67 -1.37
C VAL A 92 -0.60 -0.22 -0.44
N PHE A 93 -0.50 0.19 0.81
CA PHE A 93 0.16 -0.60 1.84
C PHE A 93 -1.02 -1.31 2.48
N PHE A 94 -0.92 -2.63 2.69
CA PHE A 94 -2.06 -3.33 3.27
C PHE A 94 -1.71 -4.45 4.23
N MET A 95 -2.72 -4.84 5.01
CA MET A 95 -2.61 -5.93 5.97
C MET A 95 -3.90 -6.72 5.78
N GLY A 96 -3.77 -8.04 5.67
CA GLY A 96 -4.94 -8.88 5.48
C GLY A 96 -4.65 -10.33 5.83
N PRO A 97 -5.57 -11.26 5.53
CA PRO A 97 -5.39 -12.68 5.83
C PRO A 97 -4.11 -13.24 5.22
N THR A 98 -3.49 -14.18 5.92
CA THR A 98 -2.25 -14.80 5.46
C THR A 98 -2.50 -15.70 4.24
N LYS A 99 -1.44 -15.94 3.47
CA LYS A 99 -1.49 -16.78 2.28
C LYS A 99 -2.40 -16.24 1.17
N SER A 100 -2.66 -14.94 1.15
CA SER A 100 -3.53 -14.38 0.13
C SER A 100 -2.81 -14.20 -1.21
N LYS A 101 -3.61 -14.21 -2.28
CA LYS A 101 -3.11 -14.03 -3.64
C LYS A 101 -3.74 -12.72 -4.16
N PRO A 102 -3.21 -12.18 -5.27
CA PRO A 102 -3.75 -10.93 -5.82
C PRO A 102 -5.25 -11.01 -6.12
N ALA A 103 -5.97 -9.94 -5.80
CA ALA A 103 -7.40 -9.86 -6.06
C ALA A 103 -7.55 -9.11 -7.39
N GLN A 104 -8.62 -8.36 -7.56
CA GLN A 104 -8.82 -7.60 -8.79
C GLN A 104 -7.88 -6.41 -8.88
N GLY A 105 -7.44 -6.12 -10.11
CA GLY A 105 -6.54 -4.99 -10.32
C GLY A 105 -7.31 -3.70 -10.52
N TYR A 106 -6.75 -2.83 -11.36
CA TYR A 106 -7.34 -1.53 -11.67
C TYR A 106 -7.64 -0.75 -10.38
N GLY A 107 -8.81 -0.13 -10.32
CA GLY A 107 -9.20 0.65 -9.16
C GLY A 107 -9.29 -0.10 -7.84
N TYR A 108 -9.30 -1.43 -7.90
CA TYR A 108 -9.37 -2.25 -6.68
C TYR A 108 -7.99 -2.45 -6.09
N LEU A 109 -6.98 -2.00 -6.82
CA LEU A 109 -5.58 -2.03 -6.39
C LEU A 109 -4.96 -3.37 -6.04
N GLY A 110 -5.56 -4.47 -6.50
CA GLY A 110 -5.03 -5.79 -6.22
C GLY A 110 -5.39 -6.36 -4.87
N ILE A 111 -6.25 -5.68 -4.12
CA ILE A 111 -6.63 -6.16 -2.79
C ILE A 111 -8.13 -6.35 -2.55
N PHE A 112 -8.97 -5.86 -3.46
CA PHE A 112 -10.42 -6.02 -3.32
C PHE A 112 -11.00 -6.63 -4.60
N ASN A 113 -12.19 -7.20 -4.52
CA ASN A 113 -12.85 -7.82 -5.68
C ASN A 113 -14.01 -7.00 -6.21
N ASN A 114 -14.49 -6.06 -5.41
CA ASN A 114 -15.61 -5.20 -5.80
C ASN A 114 -15.55 -3.94 -4.95
N SER A 115 -16.61 -3.13 -5.01
CA SER A 115 -16.66 -1.89 -4.24
C SER A 115 -17.55 -1.96 -3.00
N LYS A 116 -17.81 -3.18 -2.52
CA LYS A 116 -18.64 -3.36 -1.33
C LYS A 116 -17.82 -3.33 -0.03
N GLN A 117 -18.48 -2.96 1.07
CA GLN A 117 -17.86 -2.94 2.39
C GLN A 117 -18.20 -4.32 2.94
N ASP A 118 -17.27 -5.25 2.79
CA ASP A 118 -17.50 -6.63 3.20
C ASP A 118 -16.55 -7.06 4.31
N ASN A 119 -17.11 -7.46 5.46
CA ASN A 119 -16.30 -7.90 6.58
C ASN A 119 -15.41 -9.09 6.28
N SER A 120 -15.78 -9.88 5.27
CA SER A 120 -14.99 -11.06 4.91
C SER A 120 -13.63 -10.71 4.28
N TYR A 121 -13.45 -9.45 3.87
CA TYR A 121 -12.17 -9.04 3.30
C TYR A 121 -11.08 -9.05 4.37
N GLN A 122 -11.45 -8.66 5.59
CA GLN A 122 -10.52 -8.61 6.73
C GLN A 122 -9.25 -7.89 6.32
N THR A 123 -9.42 -6.75 5.65
CA THR A 123 -8.29 -6.00 5.13
C THR A 123 -8.26 -4.52 5.55
N LEU A 124 -7.07 -4.06 5.90
CA LEU A 124 -6.83 -2.67 6.29
C LEU A 124 -5.80 -2.17 5.29
N GLY A 125 -6.01 -0.98 4.72
CA GLY A 125 -5.05 -0.45 3.78
C GLY A 125 -4.95 1.05 3.76
N VAL A 126 -3.77 1.55 3.39
CA VAL A 126 -3.55 2.99 3.25
C VAL A 126 -3.16 3.14 1.79
N GLU A 127 -4.07 3.70 1.00
CA GLU A 127 -3.85 3.86 -0.43
C GLU A 127 -3.37 5.23 -0.85
N PHE A 128 -2.74 5.24 -2.03
CA PHE A 128 -2.21 6.43 -2.69
C PHE A 128 -2.80 6.23 -4.08
N ASP A 129 -4.03 6.72 -4.19
CA ASP A 129 -4.88 6.60 -5.35
C ASP A 129 -4.73 7.71 -6.38
N THR A 130 -4.48 7.32 -7.62
CA THR A 130 -4.27 8.28 -8.70
C THR A 130 -5.39 8.44 -9.73
N PHE A 131 -6.42 7.60 -9.64
CA PHE A 131 -7.54 7.69 -10.59
C PHE A 131 -8.87 7.74 -9.86
N SER A 132 -9.73 8.68 -10.24
CA SER A 132 -11.03 8.81 -9.57
C SER A 132 -12.10 7.88 -10.12
N ASN A 133 -12.38 6.80 -9.39
CA ASN A 133 -13.41 5.84 -9.76
C ASN A 133 -14.75 6.38 -9.24
N PRO A 134 -15.87 5.73 -9.58
CA PRO A 134 -17.18 6.24 -9.10
C PRO A 134 -17.33 6.30 -7.58
N TRP A 135 -16.58 5.47 -6.85
CA TRP A 135 -16.64 5.44 -5.39
C TRP A 135 -15.64 6.40 -4.75
N ASP A 136 -14.87 7.09 -5.60
CA ASP A 136 -13.85 8.03 -5.16
C ASP A 136 -14.26 9.48 -5.11
N PRO A 137 -13.55 10.29 -4.30
CA PRO A 137 -13.86 11.72 -4.23
C PRO A 137 -13.28 12.22 -5.56
N PRO A 138 -13.76 13.36 -6.07
CA PRO A 138 -13.23 13.85 -7.35
C PRO A 138 -11.74 14.20 -7.38
N GLN A 139 -11.17 14.54 -6.24
CA GLN A 139 -9.76 14.93 -6.18
C GLN A 139 -8.76 13.77 -6.19
N VAL A 140 -7.84 13.81 -7.15
CA VAL A 140 -6.78 12.82 -7.27
C VAL A 140 -5.47 13.53 -7.60
N PRO A 141 -4.34 13.02 -7.08
CA PRO A 141 -4.32 11.82 -6.23
C PRO A 141 -4.76 12.12 -4.80
N HIS A 142 -4.99 11.05 -4.02
CA HIS A 142 -5.37 11.21 -2.63
C HIS A 142 -4.95 10.01 -1.81
N ILE A 143 -4.70 10.28 -0.54
CA ILE A 143 -4.35 9.24 0.41
C ILE A 143 -5.69 8.81 0.95
N GLY A 144 -5.86 7.52 1.21
CA GLY A 144 -7.13 7.05 1.74
C GLY A 144 -6.93 5.92 2.72
N ILE A 145 -7.77 5.88 3.76
CA ILE A 145 -7.71 4.80 4.74
C ILE A 145 -8.87 3.86 4.38
N ASP A 146 -8.52 2.64 3.98
CA ASP A 146 -9.50 1.64 3.57
C ASP A 146 -9.71 0.57 4.61
N VAL A 147 -10.96 0.42 5.06
CA VAL A 147 -11.31 -0.57 6.06
C VAL A 147 -12.36 -1.51 5.48
N ASN A 148 -11.92 -2.70 5.07
CA ASN A 148 -12.79 -3.71 4.48
C ASN A 148 -13.52 -3.22 3.22
N SER A 149 -12.97 -2.21 2.56
CA SER A 149 -13.58 -1.65 1.36
C SER A 149 -12.67 -0.68 0.62
N ILE A 150 -12.84 -0.60 -0.70
CA ILE A 150 -12.07 0.32 -1.54
C ILE A 150 -12.65 1.73 -1.33
N ARG A 151 -13.84 1.79 -0.72
CA ARG A 151 -14.49 3.06 -0.43
C ARG A 151 -13.93 3.56 0.91
N SER A 152 -12.89 4.37 0.83
CA SER A 152 -12.20 4.89 2.01
C SER A 152 -13.10 5.56 3.05
N ILE A 153 -12.76 5.36 4.32
CA ILE A 153 -13.52 5.99 5.39
C ILE A 153 -13.00 7.41 5.61
N LYS A 154 -11.84 7.71 5.02
CA LYS A 154 -11.21 9.03 5.16
C LYS A 154 -10.24 9.21 4.00
N THR A 155 -10.27 10.39 3.39
CA THR A 155 -9.40 10.71 2.26
C THR A 155 -8.70 12.05 2.47
N GLN A 156 -7.52 12.20 1.86
CA GLN A 156 -6.76 13.44 1.94
C GLN A 156 -6.07 13.68 0.60
N PRO A 157 -6.52 14.70 -0.14
CA PRO A 157 -5.94 15.03 -1.44
C PRO A 157 -4.49 15.48 -1.30
N PHE A 158 -3.68 15.17 -2.31
CA PHE A 158 -2.29 15.62 -2.34
C PHE A 158 -1.86 15.86 -3.78
N GLN A 159 -0.88 16.74 -3.96
CA GLN A 159 -0.38 17.04 -5.29
C GLN A 159 0.80 16.14 -5.59
N LEU A 160 0.73 15.45 -6.72
CA LEU A 160 1.82 14.56 -7.10
C LEU A 160 3.00 15.36 -7.65
N ASP A 161 4.19 15.04 -7.16
CA ASP A 161 5.39 15.69 -7.67
C ASP A 161 5.91 14.58 -8.59
N ASN A 162 5.53 14.69 -9.87
CA ASN A 162 5.85 13.71 -10.90
C ASN A 162 7.28 13.17 -10.90
N GLY A 163 7.40 11.87 -10.69
CA GLY A 163 8.70 11.22 -10.70
C GLY A 163 9.60 11.44 -9.50
N GLN A 164 9.17 12.28 -8.56
CA GLN A 164 9.98 12.56 -7.37
C GLN A 164 9.72 11.54 -6.27
N VAL A 165 10.69 11.36 -5.39
CA VAL A 165 10.57 10.40 -4.30
C VAL A 165 9.74 10.95 -3.13
N ALA A 166 8.77 10.17 -2.68
CA ALA A 166 7.94 10.56 -1.56
C ALA A 166 8.25 9.63 -0.39
N ASN A 167 8.26 10.20 0.82
CA ASN A 167 8.53 9.42 2.02
C ASN A 167 7.21 9.27 2.77
N VAL A 168 6.91 8.05 3.19
CA VAL A 168 5.68 7.76 3.90
C VAL A 168 5.94 7.15 5.27
N VAL A 169 5.15 7.57 6.25
CA VAL A 169 5.22 7.03 7.60
C VAL A 169 3.78 6.73 8.01
N ILE A 170 3.55 5.49 8.41
CA ILE A 170 2.22 5.07 8.86
C ILE A 170 2.41 4.47 10.24
N LYS A 171 1.66 4.99 11.20
CA LYS A 171 1.79 4.53 12.57
C LYS A 171 0.43 4.19 13.18
N TYR A 172 0.39 3.11 13.93
CA TYR A 172 -0.83 2.70 14.59
C TYR A 172 -0.58 2.56 16.08
N ASP A 173 -1.30 3.35 16.87
CA ASP A 173 -1.17 3.31 18.33
C ASP A 173 -2.36 2.51 18.87
N ALA A 174 -2.06 1.31 19.38
CA ALA A 174 -3.09 0.42 19.91
C ALA A 174 -3.90 0.99 21.07
N SER A 175 -3.25 1.73 21.96
CA SER A 175 -3.95 2.29 23.12
C SER A 175 -5.03 3.30 22.76
N SER A 176 -4.79 4.09 21.71
CA SER A 176 -5.77 5.09 21.28
C SER A 176 -6.56 4.66 20.05
N LYS A 177 -6.09 3.60 19.39
CA LYS A 177 -6.72 3.08 18.17
C LYS A 177 -6.62 4.07 17.00
N ILE A 178 -5.60 4.92 17.05
CA ILE A 178 -5.42 5.91 15.98
C ILE A 178 -4.42 5.42 14.93
N LEU A 179 -4.85 5.45 13.68
CA LEU A 179 -3.98 5.11 12.57
C LEU A 179 -3.63 6.45 11.96
N HIS A 180 -2.36 6.84 12.03
CA HIS A 180 -1.94 8.11 11.47
C HIS A 180 -0.87 7.94 10.40
N ALA A 181 -1.08 8.62 9.27
CA ALA A 181 -0.16 8.54 8.14
C ALA A 181 0.32 9.91 7.69
N VAL A 182 1.56 9.95 7.23
CA VAL A 182 2.18 11.18 6.75
C VAL A 182 2.90 10.92 5.44
N LEU A 183 2.76 11.86 4.50
CA LEU A 183 3.45 11.77 3.22
C LEU A 183 4.23 13.06 3.06
N VAL A 184 5.52 12.93 2.77
CA VAL A 184 6.40 14.09 2.60
C VAL A 184 7.19 13.99 1.30
N TYR A 185 7.24 15.10 0.55
CA TYR A 185 8.01 15.17 -0.68
C TYR A 185 9.20 16.08 -0.39
N PRO A 186 10.41 15.51 -0.22
CA PRO A 186 11.61 16.30 0.06
C PRO A 186 11.90 17.34 -1.02
N SER A 187 11.59 16.99 -2.26
CA SER A 187 11.81 17.87 -3.41
C SER A 187 11.16 19.24 -3.26
N SER A 188 9.91 19.26 -2.81
CA SER A 188 9.16 20.50 -2.64
C SER A 188 8.92 20.90 -1.19
N GLY A 189 9.13 19.95 -0.27
CA GLY A 189 8.91 20.21 1.14
C GLY A 189 7.45 20.07 1.56
N ALA A 190 6.62 19.57 0.66
CA ALA A 190 5.20 19.38 0.93
C ALA A 190 4.96 18.31 1.98
N ILE A 191 4.04 18.57 2.91
CA ILE A 191 3.71 17.63 3.97
C ILE A 191 2.19 17.42 4.02
N TYR A 192 1.78 16.15 3.99
CA TYR A 192 0.36 15.81 4.06
C TYR A 192 0.15 14.86 5.22
N THR A 193 -0.94 15.04 5.96
CA THR A 193 -1.22 14.20 7.10
C THR A 193 -2.68 13.75 7.11
N ILE A 194 -2.91 12.53 7.59
CA ILE A 194 -4.25 11.98 7.66
C ILE A 194 -4.32 11.01 8.83
N ALA A 195 -5.45 11.02 9.54
CA ALA A 195 -5.62 10.15 10.69
C ALA A 195 -7.07 9.76 10.92
N GLU A 196 -7.29 8.58 11.47
CA GLU A 196 -8.63 8.11 11.76
C GLU A 196 -8.57 7.02 12.80
N ILE A 197 -9.68 6.82 13.50
CA ILE A 197 -9.77 5.78 14.52
C ILE A 197 -10.09 4.47 13.83
N VAL A 198 -9.29 3.45 14.12
CA VAL A 198 -9.50 2.13 13.54
C VAL A 198 -9.21 1.07 14.59
N ASP A 199 -10.24 0.32 14.98
CA ASP A 199 -10.07 -0.75 15.95
C ASP A 199 -9.77 -1.99 15.11
N VAL A 200 -8.49 -2.35 15.01
CA VAL A 200 -8.08 -3.49 14.20
C VAL A 200 -8.71 -4.84 14.59
N LYS A 201 -9.15 -4.97 15.84
CA LYS A 201 -9.77 -6.21 16.31
C LYS A 201 -11.09 -6.48 15.59
N GLN A 202 -11.73 -5.41 15.11
CA GLN A 202 -12.99 -5.52 14.40
C GLN A 202 -12.80 -5.71 12.90
N VAL A 203 -11.55 -5.65 12.45
CA VAL A 203 -11.25 -5.76 11.04
C VAL A 203 -10.36 -6.95 10.65
N LEU A 204 -9.17 -6.99 11.24
CA LEU A 204 -8.19 -8.02 10.93
C LEU A 204 -8.21 -9.29 11.76
N PRO A 205 -7.71 -10.39 11.17
CA PRO A 205 -7.66 -11.67 11.89
C PRO A 205 -6.44 -11.53 12.82
N GLU A 206 -6.24 -12.48 13.72
CA GLU A 206 -5.12 -12.42 14.65
C GLU A 206 -3.74 -12.35 13.99
N TRP A 207 -3.56 -13.12 12.92
CA TRP A 207 -2.31 -13.14 12.17
C TRP A 207 -2.55 -12.57 10.78
N VAL A 208 -1.63 -11.74 10.32
CA VAL A 208 -1.78 -11.12 9.01
C VAL A 208 -0.49 -11.09 8.20
N ASP A 209 -0.66 -10.91 6.89
CA ASP A 209 0.48 -10.73 5.99
C ASP A 209 0.47 -9.23 5.74
N VAL A 210 1.66 -8.63 5.66
CA VAL A 210 1.77 -7.20 5.38
C VAL A 210 2.41 -7.05 4.01
N GLY A 211 1.92 -6.10 3.22
CA GLY A 211 2.48 -5.94 1.90
C GLY A 211 2.17 -4.63 1.21
N LEU A 212 2.65 -4.53 -0.02
CA LEU A 212 2.45 -3.37 -0.88
C LEU A 212 1.88 -3.94 -2.17
N SER A 213 0.97 -3.21 -2.77
CA SER A 213 0.35 -3.64 -4.01
C SER A 213 0.17 -2.42 -4.90
N GLY A 214 0.32 -2.62 -6.21
CA GLY A 214 0.16 -1.53 -7.15
C GLY A 214 -0.60 -2.02 -8.37
N ALA A 215 -1.20 -1.10 -9.11
CA ALA A 215 -1.96 -1.48 -10.30
C ALA A 215 -2.06 -0.35 -11.31
N THR A 216 -2.00 -0.70 -12.59
CA THR A 216 -2.17 0.27 -13.67
C THR A 216 -3.56 0.06 -14.27
N GLY A 217 -3.98 0.99 -15.12
CA GLY A 217 -5.31 1.00 -15.72
C GLY A 217 -5.87 -0.07 -16.65
N ALA A 218 -7.19 0.01 -16.85
CA ALA A 218 -7.96 -0.90 -17.68
C ALA A 218 -7.98 -0.59 -19.18
N GLN A 219 -7.42 0.55 -19.57
CA GLN A 219 -7.38 0.91 -20.99
C GLN A 219 -5.95 1.25 -21.42
N ARG A 220 -5.68 1.14 -22.72
CA ARG A 220 -4.35 1.40 -23.26
C ARG A 220 -3.74 2.72 -22.78
N ASP A 221 -2.53 2.59 -22.25
CA ASP A 221 -1.74 3.72 -21.75
C ASP A 221 -2.25 4.46 -20.51
N ALA A 222 -3.28 3.91 -19.86
CA ALA A 222 -3.78 4.50 -18.63
C ALA A 222 -2.84 3.85 -17.63
N ALA A 223 -1.63 4.39 -17.53
CA ALA A 223 -0.62 3.81 -16.66
C ALA A 223 0.37 4.82 -16.09
N GLU A 224 1.17 4.33 -15.14
CA GLU A 224 2.18 5.11 -14.46
C GLU A 224 3.06 4.10 -13.75
N THR A 225 4.22 4.55 -13.26
CA THR A 225 5.11 3.65 -12.55
C THR A 225 4.68 3.62 -11.07
N HIS A 226 5.11 2.58 -10.36
CA HIS A 226 4.85 2.42 -8.93
C HIS A 226 6.11 1.76 -8.38
N ASP A 227 7.17 2.57 -8.26
CA ASP A 227 8.46 2.11 -7.78
C ASP A 227 8.70 2.38 -6.30
N VAL A 228 9.20 1.37 -5.59
CA VAL A 228 9.47 1.47 -4.17
C VAL A 228 10.97 1.31 -3.96
N TYR A 229 11.56 2.21 -3.17
CA TYR A 229 13.01 2.21 -2.93
C TYR A 229 13.47 1.63 -1.60
N SER A 230 12.60 1.70 -0.59
CA SER A 230 12.93 1.19 0.73
C SER A 230 11.63 0.89 1.46
N TRP A 231 11.71 0.03 2.47
CA TRP A 231 10.55 -0.36 3.24
C TRP A 231 10.98 -0.98 4.56
N SER A 232 10.46 -0.42 5.65
CA SER A 232 10.76 -0.93 7.00
C SER A 232 9.45 -1.09 7.74
N PHE A 233 9.43 -2.00 8.71
CA PHE A 233 8.23 -2.27 9.48
C PHE A 233 8.59 -2.83 10.85
N GLN A 234 7.85 -2.42 11.87
CA GLN A 234 8.06 -2.92 13.23
C GLN A 234 6.68 -3.05 13.89
N ALA A 235 6.48 -4.13 14.63
CA ALA A 235 5.22 -4.35 15.34
C ALA A 235 5.54 -4.95 16.70
N SER A 236 4.81 -4.52 17.72
CA SER A 236 5.01 -5.02 19.08
C SER A 236 3.70 -5.35 19.74
N LEU A 237 3.50 -6.63 20.04
CA LEU A 237 2.29 -7.10 20.70
C LEU A 237 2.58 -7.14 22.20
N PRO A 238 1.97 -6.22 22.97
CA PRO A 238 2.17 -6.13 24.41
C PRO A 238 1.84 -7.40 25.19
N GLU A 239 2.69 -7.69 26.17
CA GLU A 239 2.55 -8.87 27.02
C GLU A 239 3.50 -8.74 28.21
#